data_1AE5
#
_entry.id   1AE5
#
_cell.length_a   39.190
_cell.length_b   66.120
_cell.length_c   101.360
_cell.angle_alpha   90.00
_cell.angle_beta   90.00
_cell.angle_gamma   90.00
#
_symmetry.space_group_name_H-M   'P 21 21 21'
#
loop_
_entity.id
_entity.type
_entity.pdbx_description
1 polymer 'HEPARIN BINDING PROTEIN'
2 non-polymer 2-acetamido-2-deoxy-beta-D-glucopyranose
3 water water
#
_entity_poly.entity_id   1
_entity_poly.type   'polypeptide(L)'
_entity_poly.pdbx_seq_one_letter_code
;IVGGRKARPRQFPFLASIQNQGRHFCGGALIHARFVMTAASCFQSQNPGVSTVVLGAYDLRRRERQSRQTFSISSMSENG
YDPQQNLNDLMLLQLDREANLTSSVTILPLPLQNATVEAGTRCQVAGWGSQRSGGRLSRFPRFVNVTVTPEDQCRPNNVC
TGVLTRRGGICNGDGGTPLVCEGLAHGVASFSLGPCGRGPDFFTRVALFRDWIDGVLNNPGPGPA
;
_entity_poly.pdbx_strand_id   A
#
# COMPACT_ATOMS: atom_id res chain seq x y z
N ILE A 1 9.30 7.26 1.21
CA ILE A 1 9.34 7.65 -0.19
C ILE A 1 10.56 8.46 -0.53
N VAL A 2 11.36 7.99 -1.50
CA VAL A 2 12.51 8.75 -1.94
C VAL A 2 12.29 9.52 -3.23
N GLY A 3 12.88 10.72 -3.28
CA GLY A 3 12.81 11.55 -4.47
C GLY A 3 11.46 12.20 -4.69
N GLY A 4 10.65 12.25 -3.65
CA GLY A 4 9.33 12.83 -3.82
C GLY A 4 9.15 14.24 -3.26
N ARG A 5 7.90 14.60 -3.33
CA ARG A 5 7.38 15.83 -2.88
C ARG A 5 6.36 15.58 -1.77
N LYS A 6 6.20 16.58 -0.96
CA LYS A 6 5.28 16.52 0.12
C LYS A 6 3.84 16.58 -0.38
N ALA A 7 2.99 15.72 0.14
CA ALA A 7 1.60 15.82 -0.28
C ALA A 7 0.82 16.89 0.50
N ARG A 8 -0.36 17.29 -0.03
CA ARG A 8 -1.26 18.21 0.63
C ARG A 8 -2.23 17.37 1.39
N PRO A 9 -2.83 17.94 2.38
CA PRO A 9 -3.84 17.17 3.13
C PRO A 9 -4.97 16.63 2.16
N ARG A 10 -5.48 15.43 2.45
CA ARG A 10 -6.55 14.83 1.67
C ARG A 10 -6.18 14.65 0.22
N GLN A 11 -4.93 14.66 -0.12
CA GLN A 11 -4.59 14.46 -1.52
C GLN A 11 -4.67 12.94 -1.96
N PHE A 12 -4.49 12.01 -1.00
CA PHE A 12 -4.57 10.58 -1.17
C PHE A 12 -5.37 10.08 -0.01
N PRO A 13 -6.61 10.36 -0.04
CA PRO A 13 -7.54 10.04 1.00
C PRO A 13 -7.81 8.57 1.24
N PHE A 14 -7.38 7.67 0.30
CA PHE A 14 -7.55 6.22 0.48
C PHE A 14 -6.40 5.62 1.25
N LEU A 15 -5.37 6.41 1.52
CA LEU A 15 -4.17 5.94 2.18
C LEU A 15 -4.37 5.50 3.60
N ALA A 16 -3.63 4.47 4.00
CA ALA A 16 -3.70 3.99 5.36
C ALA A 16 -2.34 3.91 5.99
N SER A 17 -2.35 4.03 7.29
CA SER A 17 -1.18 3.92 8.08
C SER A 17 -1.34 2.79 9.06
N ILE A 18 -0.48 1.77 8.95
CA ILE A 18 -0.52 0.65 9.87
C ILE A 18 0.54 0.94 10.92
N GLN A 19 0.10 0.94 12.17
CA GLN A 19 0.95 1.29 13.30
C GLN A 19 1.00 0.21 14.31
N ASN A 20 2.02 0.29 15.11
CA ASN A 20 2.18 -0.65 16.18
C ASN A 20 2.61 0.14 17.38
N GLN A 21 1.78 0.14 18.41
CA GLN A 21 2.06 0.94 19.58
C GLN A 21 2.24 2.36 19.08
N GLY A 22 1.39 2.76 18.18
CA GLY A 22 1.50 4.11 17.68
C GLY A 22 2.67 4.34 16.74
N ARG A 23 3.35 3.28 16.42
CA ARG A 23 4.49 3.39 15.52
C ARG A 23 4.13 2.84 14.12
N HIS A 24 4.25 3.73 13.13
CA HIS A 24 3.95 3.43 11.74
C HIS A 24 4.89 2.46 11.13
N PHE A 25 4.40 1.36 10.67
CA PHE A 25 5.34 0.50 10.06
C PHE A 25 4.97 0.15 8.61
N CYS A 26 3.74 0.40 8.20
CA CYS A 26 3.45 0.10 6.81
C CYS A 26 2.30 0.92 6.38
N GLY A 27 2.12 1.00 5.06
CA GLY A 27 1.00 1.72 4.48
C GLY A 27 -0.03 0.75 3.90
N GLY A 28 -1.09 1.26 3.33
CA GLY A 28 -2.05 0.37 2.78
C GLY A 28 -3.09 1.25 2.16
N ALA A 29 -4.17 0.64 1.61
CA ALA A 29 -5.29 1.37 0.99
C ALA A 29 -6.61 0.83 1.38
N LEU A 30 -7.54 1.74 1.52
CA LEU A 30 -8.90 1.38 1.85
C LEU A 30 -9.57 1.00 0.57
N ILE A 31 -10.01 -0.25 0.46
CA ILE A 31 -10.64 -0.63 -0.81
C ILE A 31 -12.08 -0.95 -0.67
N HIS A 32 -12.50 -0.89 0.54
CA HIS A 32 -13.85 -1.11 0.86
C HIS A 32 -14.01 -0.72 2.31
N ALA A 33 -15.12 -0.15 2.64
CA ALA A 33 -15.38 0.32 4.00
C ALA A 33 -15.00 -0.59 5.11
N ARG A 34 -14.84 -1.86 4.81
CA ARG A 34 -14.48 -2.77 5.87
C ARG A 34 -13.10 -3.39 5.69
N PHE A 35 -12.47 -3.10 4.56
CA PHE A 35 -11.16 -3.66 4.35
C PHE A 35 -10.12 -2.73 3.80
N VAL A 36 -8.91 -3.03 4.23
CA VAL A 36 -7.71 -2.34 3.80
C VAL A 36 -6.81 -3.37 3.15
N MET A 37 -6.31 -2.98 2.00
CA MET A 37 -5.44 -3.88 1.32
C MET A 37 -4.01 -3.50 1.62
N THR A 38 -3.19 -4.47 1.92
CA THR A 38 -1.80 -4.20 2.21
C THR A 38 -0.91 -5.35 1.75
N ALA A 39 0.31 -5.37 2.23
CA ALA A 39 1.33 -6.37 1.89
C ALA A 39 1.44 -7.40 2.95
N ALA A 40 1.42 -8.66 2.58
CA ALA A 40 1.57 -9.67 3.61
C ALA A 40 2.94 -9.57 4.30
N SER A 41 3.94 -9.11 3.55
CA SER A 41 5.30 -8.97 4.10
C SER A 41 5.37 -8.07 5.36
N CYS A 42 4.45 -7.08 5.44
CA CYS A 42 4.37 -6.17 6.56
C CYS A 42 4.14 -6.89 7.84
N PHE A 43 3.67 -8.13 7.74
CA PHE A 43 3.30 -8.94 8.88
C PHE A 43 4.22 -10.06 9.26
N GLN A 44 5.49 -9.80 9.38
CA GLN A 44 6.27 -10.96 9.70
C GLN A 44 6.75 -10.97 11.16
N SER A 45 7.35 -9.84 11.57
CA SER A 45 7.98 -9.66 12.88
C SER A 45 6.98 -8.88 13.85
N PRO A 48 1.32 -9.66 15.52
CA PRO A 48 0.80 -9.62 14.18
C PRO A 48 -0.25 -8.55 14.08
N GLY A 49 -1.49 -8.96 14.31
CA GLY A 49 -2.62 -8.07 14.27
C GLY A 49 -2.81 -7.29 15.57
N VAL A 50 -1.72 -6.95 16.26
CA VAL A 50 -1.82 -6.17 17.50
C VAL A 50 -1.37 -4.73 17.30
N SER A 51 -1.64 -4.37 16.05
CA SER A 51 -1.44 -3.16 15.34
C SER A 51 -2.77 -2.46 15.12
N THR A 52 -2.72 -1.24 14.68
CA THR A 52 -3.92 -0.52 14.43
C THR A 52 -3.87 0.04 13.05
N VAL A 53 -4.98 0.41 12.56
CA VAL A 53 -4.98 0.90 11.26
C VAL A 53 -5.51 2.23 11.38
N VAL A 54 -4.78 3.19 10.85
CA VAL A 54 -5.19 4.57 10.89
C VAL A 54 -5.53 5.16 9.54
N LEU A 55 -6.77 5.67 9.41
CA LEU A 55 -7.23 6.31 8.18
C LEU A 55 -7.42 7.77 8.40
N GLY A 56 -7.35 8.50 7.31
CA GLY A 56 -7.51 9.91 7.36
C GLY A 56 -6.28 10.66 8.01
N ALA A 57 -5.16 10.02 8.22
CA ALA A 57 -4.04 10.76 8.81
C ALA A 57 -3.36 11.66 7.82
N TYR A 58 -2.60 12.61 8.32
CA TYR A 58 -1.79 13.48 7.45
C TYR A 58 -0.41 13.63 8.05
N ASP A 59 -0.39 14.31 9.20
CA ASP A 59 0.82 14.50 9.94
C ASP A 59 0.88 13.44 11.01
N LEU A 60 1.81 12.56 10.88
CA LEU A 60 1.92 11.50 11.83
C LEU A 60 2.18 11.95 13.22
N ARG A 61 2.49 13.19 13.40
CA ARG A 61 2.79 13.61 14.75
C ARG A 61 1.68 14.22 15.49
N ARG A 62 0.65 14.61 14.79
CA ARG A 62 -0.56 15.25 15.33
C ARG A 62 -1.68 14.23 15.66
N ARG A 63 -2.71 14.68 16.31
CA ARG A 63 -3.78 13.74 16.60
C ARG A 63 -4.91 13.88 15.56
N GLU A 64 -4.99 15.04 14.92
CA GLU A 64 -6.01 15.25 13.92
C GLU A 64 -7.28 14.47 14.18
N ARG A 65 -7.83 14.72 15.36
CA ARG A 65 -9.04 14.09 15.85
C ARG A 65 -10.23 14.27 14.93
N GLN A 66 -10.31 15.39 14.30
CA GLN A 66 -11.44 15.63 13.45
C GLN A 66 -11.25 14.97 12.08
N SER A 67 -10.12 14.30 11.88
CA SER A 67 -9.84 13.72 10.57
C SER A 67 -9.66 12.20 10.59
N ARG A 68 -8.92 11.72 11.55
CA ARG A 68 -8.63 10.34 11.64
C ARG A 68 -9.73 9.44 12.16
N GLN A 69 -9.66 8.17 11.72
CA GLN A 69 -10.53 7.07 12.15
C GLN A 69 -9.58 5.94 12.46
N THR A 70 -9.74 5.27 13.56
CA THR A 70 -8.81 4.24 13.92
C THR A 70 -9.46 2.90 14.01
N PHE A 71 -8.74 1.85 13.67
CA PHE A 71 -9.40 0.57 13.69
C PHE A 71 -8.50 -0.52 14.12
N SER A 72 -9.16 -1.56 14.57
CA SER A 72 -8.58 -2.80 14.98
C SER A 72 -8.79 -3.70 13.81
N ILE A 73 -8.01 -4.74 13.79
CA ILE A 73 -8.07 -5.71 12.73
C ILE A 73 -8.83 -6.96 13.13
N SER A 74 -10.03 -7.15 12.61
CA SER A 74 -10.79 -8.33 12.99
C SER A 74 -10.22 -9.61 12.39
N SER A 75 -9.91 -9.61 11.09
CA SER A 75 -9.30 -10.77 10.42
C SER A 75 -8.33 -10.38 9.33
N MET A 76 -7.35 -11.26 9.07
CA MET A 76 -6.32 -11.12 8.04
C MET A 76 -6.48 -12.18 6.90
N SER A 77 -6.43 -11.75 5.65
CA SER A 77 -6.55 -12.71 4.58
C SER A 77 -5.41 -12.59 3.58
N GLU A 78 -4.76 -13.73 3.35
CA GLU A 78 -3.66 -13.89 2.40
C GLU A 78 -3.97 -15.02 1.39
N ASN A 79 -3.41 -14.96 0.20
CA ASN A 79 -3.68 -16.00 -0.77
C ASN A 79 -2.45 -16.70 -1.35
N GLY A 80 -1.75 -17.49 -0.55
CA GLY A 80 -0.53 -18.16 -1.05
C GLY A 80 0.77 -17.36 -0.84
N TYR A 81 0.81 -16.55 0.20
CA TYR A 81 1.99 -15.76 0.42
C TYR A 81 3.18 -16.66 0.60
N ASP A 82 4.26 -16.33 -0.07
CA ASP A 82 5.45 -17.10 0.09
C ASP A 82 6.57 -16.17 0.43
N PRO A 83 6.89 -16.23 1.68
CA PRO A 83 7.91 -15.45 2.32
C PRO A 83 9.29 -15.62 1.70
N GLN A 84 9.63 -16.87 1.47
CA GLN A 84 10.90 -17.18 0.90
C GLN A 84 11.17 -16.39 -0.36
N GLN A 85 10.20 -16.40 -1.26
CA GLN A 85 10.35 -15.73 -2.52
C GLN A 85 9.60 -14.46 -2.60
N ASN A 86 8.82 -14.23 -1.58
CA ASN A 86 8.01 -13.03 -1.61
C ASN A 86 7.02 -13.10 -2.76
N LEU A 87 6.34 -14.25 -2.90
CA LEU A 87 5.35 -14.41 -3.94
C LEU A 87 3.97 -14.21 -3.35
N ASN A 88 3.11 -13.54 -4.10
CA ASN A 88 1.76 -13.25 -3.68
C ASN A 88 1.72 -12.41 -2.43
N ASP A 89 2.53 -11.38 -2.43
CA ASP A 89 2.65 -10.50 -1.26
C ASP A 89 1.52 -9.50 -1.20
N LEU A 90 0.39 -10.00 -0.71
CA LEU A 90 -0.83 -9.24 -0.65
C LEU A 90 -1.66 -9.74 0.50
N MET A 91 -2.26 -8.83 1.21
CA MET A 91 -3.05 -9.25 2.31
C MET A 91 -4.20 -8.31 2.53
N LEU A 92 -5.30 -8.89 2.99
CA LEU A 92 -6.46 -8.08 3.29
C LEU A 92 -6.74 -8.04 4.78
N LEU A 93 -7.02 -6.85 5.28
CA LEU A 93 -7.34 -6.72 6.66
C LEU A 93 -8.73 -6.26 6.79
N GLN A 94 -9.44 -6.94 7.62
CA GLN A 94 -10.79 -6.55 7.86
C GLN A 94 -10.83 -5.65 9.08
N LEU A 95 -11.44 -4.51 8.90
CA LEU A 95 -11.58 -3.54 10.00
C LEU A 95 -12.61 -3.98 11.03
N ASP A 96 -12.38 -3.61 12.29
CA ASP A 96 -13.30 -3.94 13.39
C ASP A 96 -14.68 -3.35 13.09
N ARG A 97 -14.72 -2.35 12.25
CA ARG A 97 -16.00 -1.76 11.91
C ARG A 97 -15.95 -1.01 10.58
N GLU A 98 -17.09 -0.63 10.05
CA GLU A 98 -17.08 0.07 8.78
C GLU A 98 -16.60 1.50 8.90
N ALA A 99 -15.61 1.82 8.10
CA ALA A 99 -15.08 3.15 8.08
C ALA A 99 -16.20 4.02 7.59
N ASN A 100 -16.11 5.32 7.90
CA ASN A 100 -17.09 6.28 7.43
C ASN A 100 -16.50 7.01 6.23
N LEU A 101 -17.21 7.18 5.18
CA LEU A 101 -16.57 7.87 4.12
C LEU A 101 -16.65 9.39 4.18
N THR A 102 -15.54 10.04 4.45
CA THR A 102 -15.51 11.50 4.48
C THR A 102 -14.62 12.05 3.41
N SER A 103 -14.42 13.38 3.48
CA SER A 103 -13.56 14.08 2.54
C SER A 103 -12.13 13.72 2.81
N SER A 104 -11.90 13.08 3.92
CA SER A 104 -10.55 12.76 4.13
C SER A 104 -10.31 11.26 4.15
N VAL A 105 -11.37 10.53 3.84
CA VAL A 105 -11.29 9.07 3.83
C VAL A 105 -12.17 8.48 2.77
N THR A 106 -11.55 7.98 1.68
CA THR A 106 -12.26 7.34 0.55
C THR A 106 -11.69 5.99 0.13
N ILE A 107 -12.40 5.33 -0.81
CA ILE A 107 -12.00 4.02 -1.28
C ILE A 107 -11.25 4.12 -2.58
N LEU A 108 -10.23 3.30 -2.73
CA LEU A 108 -9.50 3.35 -3.97
C LEU A 108 -10.00 2.15 -4.79
N PRO A 109 -10.40 2.39 -5.98
CA PRO A 109 -10.95 1.33 -6.83
C PRO A 109 -9.87 0.36 -7.34
N LEU A 110 -10.35 -0.82 -7.72
CA LEU A 110 -9.49 -1.91 -8.20
C LEU A 110 -9.65 -2.20 -9.67
N PRO A 111 -8.58 -2.69 -10.27
CA PRO A 111 -8.68 -3.02 -11.67
C PRO A 111 -9.44 -4.35 -11.85
N LEU A 112 -9.96 -4.59 -13.04
CA LEU A 112 -10.60 -5.88 -13.28
C LEU A 112 -9.59 -7.00 -13.28
N GLN A 113 -10.04 -8.21 -12.99
CA GLN A 113 -9.21 -9.39 -13.01
C GLN A 113 -8.39 -9.49 -14.27
N ASN A 114 -7.10 -9.71 -14.13
CA ASN A 114 -6.19 -9.81 -15.28
C ASN A 114 -5.94 -8.53 -16.05
N ALA A 115 -6.45 -7.38 -15.62
CA ALA A 115 -6.11 -6.23 -16.45
C ALA A 115 -4.59 -5.94 -16.45
N THR A 116 -4.10 -5.21 -17.44
CA THR A 116 -2.68 -4.94 -17.47
C THR A 116 -2.37 -3.48 -17.68
N VAL A 117 -1.15 -3.14 -17.39
CA VAL A 117 -0.76 -1.77 -17.59
C VAL A 117 0.51 -1.76 -18.41
N GLU A 118 0.60 -1.04 -19.50
CA GLU A 118 1.87 -1.24 -20.15
C GLU A 118 3.07 -0.50 -19.67
N ALA A 119 4.19 -1.07 -20.06
CA ALA A 119 5.46 -0.51 -19.73
C ALA A 119 5.43 0.91 -20.23
N GLY A 120 5.99 1.84 -19.44
CA GLY A 120 6.02 3.21 -19.87
C GLY A 120 4.86 4.01 -19.33
N THR A 121 3.92 3.28 -18.69
CA THR A 121 2.78 3.97 -18.12
C THR A 121 3.19 4.73 -16.85
N ARG A 122 2.67 5.94 -16.71
CA ARG A 122 2.95 6.82 -15.59
C ARG A 122 1.98 6.62 -14.45
N CYS A 123 2.56 6.38 -13.28
CA CYS A 123 1.83 6.16 -12.05
C CYS A 123 2.41 7.00 -10.92
N GLN A 124 1.71 6.90 -9.80
CA GLN A 124 2.05 7.57 -8.59
C GLN A 124 2.07 6.63 -7.39
N VAL A 125 2.95 6.96 -6.46
CA VAL A 125 3.04 6.25 -5.20
C VAL A 125 3.34 7.25 -4.09
N ALA A 126 2.66 7.05 -2.96
CA ALA A 126 2.78 7.93 -1.84
C ALA A 126 2.87 7.14 -0.56
N GLY A 127 3.47 7.75 0.47
CA GLY A 127 3.59 7.07 1.73
C GLY A 127 4.38 7.91 2.67
N TRP A 128 4.49 7.40 3.88
CA TRP A 128 5.24 8.06 4.93
C TRP A 128 6.59 7.43 5.13
N GLY A 129 7.06 6.65 4.17
CA GLY A 129 8.33 5.99 4.35
C GLY A 129 9.49 6.98 4.36
N SER A 130 10.65 6.50 4.73
CA SER A 130 11.87 7.25 4.78
C SER A 130 12.34 7.66 3.40
N GLN A 131 13.34 8.50 3.42
CA GLN A 131 13.95 9.00 2.22
C GLN A 131 15.29 8.38 2.01
N ARG A 132 15.63 7.41 2.81
CA ARG A 132 16.91 6.80 2.66
C ARG A 132 16.97 5.53 3.42
N SER A 133 17.75 4.62 2.92
CA SER A 133 17.78 3.35 3.57
C SER A 133 18.05 3.56 5.03
N GLY A 134 17.29 2.87 5.86
CA GLY A 134 17.45 2.99 7.29
C GLY A 134 17.29 4.41 7.88
N GLY A 135 16.91 5.41 7.08
CA GLY A 135 16.72 6.74 7.62
C GLY A 135 15.39 6.81 8.36
N ARG A 136 15.00 8.01 8.86
CA ARG A 136 13.75 8.20 9.61
C ARG A 136 12.53 8.44 8.72
N LEU A 137 11.38 8.02 9.25
CA LEU A 137 10.15 8.19 8.53
C LEU A 137 9.85 9.62 8.29
N SER A 138 8.98 9.84 7.35
CA SER A 138 8.53 11.17 7.02
C SER A 138 7.22 11.40 7.82
N ARG A 139 7.01 12.57 8.43
CA ARG A 139 5.80 12.77 9.22
C ARG A 139 4.61 13.14 8.32
N PHE A 140 4.93 13.65 7.15
CA PHE A 140 3.94 14.01 6.15
C PHE A 140 4.02 13.01 5.02
N PRO A 141 2.97 12.81 4.33
CA PRO A 141 3.04 11.88 3.28
C PRO A 141 3.73 12.56 2.13
N ARG A 142 4.41 11.73 1.29
CA ARG A 142 5.14 12.17 0.11
C ARG A 142 4.79 11.30 -1.07
N PHE A 143 4.97 11.85 -2.23
CA PHE A 143 4.63 11.10 -3.37
C PHE A 143 5.59 11.32 -4.47
N VAL A 144 5.67 10.36 -5.34
CA VAL A 144 6.55 10.47 -6.47
C VAL A 144 5.92 9.91 -7.76
N ASN A 145 6.23 10.51 -8.93
CA ASN A 145 5.72 10.04 -10.24
C ASN A 145 6.63 8.93 -10.65
N VAL A 146 6.12 7.76 -11.01
CA VAL A 146 6.96 6.63 -11.41
C VAL A 146 6.54 6.07 -12.73
N THR A 147 7.38 5.21 -13.28
CA THR A 147 7.10 4.63 -14.58
C THR A 147 7.14 3.14 -14.63
N VAL A 148 6.20 2.57 -15.37
CA VAL A 148 6.24 1.15 -15.46
C VAL A 148 7.35 0.69 -16.38
N THR A 149 8.19 -0.19 -15.85
CA THR A 149 9.27 -0.79 -16.59
C THR A 149 8.75 -1.92 -17.46
N PRO A 150 9.66 -2.41 -18.28
CA PRO A 150 9.44 -3.52 -19.16
C PRO A 150 9.46 -4.80 -18.36
N GLU A 151 8.65 -5.75 -18.81
CA GLU A 151 8.48 -7.01 -18.15
C GLU A 151 9.77 -7.73 -17.88
N ASP A 152 10.64 -7.60 -18.83
CA ASP A 152 11.88 -8.28 -18.70
C ASP A 152 12.63 -7.78 -17.49
N GLN A 153 12.32 -6.58 -17.08
CA GLN A 153 13.00 -6.06 -15.91
C GLN A 153 12.34 -6.51 -14.62
N CYS A 154 11.12 -7.03 -14.75
CA CYS A 154 10.31 -7.45 -13.63
C CYS A 154 10.10 -8.96 -13.61
N ARG A 155 9.13 -9.42 -12.82
CA ARG A 155 8.71 -10.81 -12.73
C ARG A 155 7.20 -10.87 -12.92
N PRO A 156 6.63 -12.00 -13.37
CA PRO A 156 5.20 -12.04 -13.67
C PRO A 156 4.24 -11.64 -12.58
N ASN A 157 4.54 -12.02 -11.37
CA ASN A 157 3.76 -11.75 -10.17
C ASN A 157 3.68 -10.27 -9.80
N ASN A 158 4.56 -9.50 -10.38
CA ASN A 158 4.66 -8.12 -10.02
C ASN A 158 4.52 -7.18 -11.11
N VAL A 159 4.48 -5.95 -10.68
CA VAL A 159 4.48 -4.81 -11.54
C VAL A 159 5.72 -4.05 -11.05
N CYS A 160 6.63 -3.69 -11.95
CA CYS A 160 7.81 -2.96 -11.53
C CYS A 160 7.83 -1.53 -12.06
N THR A 161 8.47 -0.60 -11.33
CA THR A 161 8.56 0.82 -11.74
C THR A 161 9.93 1.41 -11.48
N GLY A 162 10.13 2.57 -12.04
CA GLY A 162 11.36 3.27 -11.87
C GLY A 162 11.11 4.70 -12.11
N VAL A 163 12.10 5.52 -11.79
CA VAL A 163 11.98 6.96 -11.99
C VAL A 163 12.95 7.35 -13.05
N LEU A 164 12.53 8.23 -13.94
CA LEU A 164 13.39 8.68 -15.02
C LEU A 164 14.57 9.37 -14.43
N THR A 165 14.27 10.01 -13.29
CA THR A 165 15.30 10.65 -12.54
C THR A 165 16.16 9.67 -11.79
N ARG A 166 16.75 10.20 -10.78
CA ARG A 166 17.73 9.46 -10.07
C ARG A 166 17.20 8.58 -9.00
N ARG A 167 17.06 9.23 -7.92
CA ARG A 167 16.57 8.54 -6.82
C ARG A 167 15.09 8.77 -6.74
N GLY A 168 14.36 7.69 -6.59
CA GLY A 168 12.94 7.77 -6.52
C GLY A 168 12.47 6.39 -6.24
N GLY A 169 11.39 6.32 -5.49
CA GLY A 169 10.84 5.06 -5.12
C GLY A 169 10.56 4.94 -3.64
N ILE A 170 10.22 3.74 -3.33
CA ILE A 170 9.85 3.35 -2.02
C ILE A 170 11.02 3.13 -1.14
N CYS A 171 10.74 3.24 0.14
CA CYS A 171 11.77 3.02 1.11
C CYS A 171 11.12 2.51 2.37
N ASN A 172 11.90 2.31 3.42
CA ASN A 172 11.34 1.83 4.71
C ASN A 172 10.04 2.54 5.09
N GLY A 173 8.96 1.80 5.46
CA GLY A 173 7.68 2.43 5.83
C GLY A 173 6.70 2.53 4.66
N ASP A 174 7.18 2.37 3.41
CA ASP A 174 6.33 2.39 2.23
C ASP A 174 5.75 1.03 1.87
N GLY A 175 6.10 0.00 2.59
CA GLY A 175 5.58 -1.35 2.36
C GLY A 175 4.05 -1.40 2.41
N GLY A 176 3.45 -2.07 1.42
CA GLY A 176 2.02 -2.22 1.34
C GLY A 176 1.34 -0.98 0.80
N THR A 177 2.11 0.06 0.53
CA THR A 177 1.42 1.22 0.01
C THR A 177 1.04 0.95 -1.43
N PRO A 178 0.02 1.59 -1.93
CA PRO A 178 -0.39 1.28 -3.31
C PRO A 178 0.28 2.03 -4.44
N LEU A 179 0.31 1.38 -5.57
CA LEU A 179 0.80 1.98 -6.78
C LEU A 179 -0.45 2.30 -7.54
N VAL A 180 -0.65 3.51 -7.94
CA VAL A 180 -1.89 3.91 -8.61
C VAL A 180 -1.64 4.36 -10.02
N CYS A 181 -2.31 3.69 -10.97
CA CYS A 181 -2.17 4.00 -12.38
C CYS A 181 -3.53 4.16 -12.98
N GLU A 182 -3.69 5.28 -13.62
CA GLU A 182 -4.94 5.60 -14.22
C GLU A 182 -6.05 5.47 -13.21
N GLY A 183 -5.82 5.94 -12.01
CA GLY A 183 -6.88 5.93 -11.00
C GLY A 183 -7.19 4.65 -10.30
N LEU A 184 -6.49 3.57 -10.61
CA LEU A 184 -6.74 2.28 -9.96
C LEU A 184 -5.48 1.76 -9.32
N ALA A 185 -5.71 0.95 -8.34
CA ALA A 185 -4.71 0.29 -7.56
C ALA A 185 -4.15 -0.90 -8.33
N HIS A 186 -3.14 -0.63 -9.11
CA HIS A 186 -2.54 -1.70 -9.83
C HIS A 186 -1.48 -2.43 -9.06
N GLY A 187 -1.00 -1.90 -7.92
CA GLY A 187 0.03 -2.66 -7.23
C GLY A 187 0.03 -2.39 -5.75
N VAL A 188 0.74 -3.23 -5.01
CA VAL A 188 0.92 -3.15 -3.59
C VAL A 188 2.44 -3.17 -3.35
N ALA A 189 2.97 -2.14 -2.69
CA ALA A 189 4.44 -2.11 -2.52
C ALA A 189 4.96 -3.31 -1.85
N SER A 190 5.87 -3.99 -2.51
CA SER A 190 6.40 -5.23 -1.96
C SER A 190 7.83 -5.14 -1.42
N PHE A 191 8.77 -4.86 -2.34
CA PHE A 191 10.19 -4.74 -2.04
C PHE A 191 10.92 -4.05 -3.15
N SER A 192 12.15 -3.82 -2.86
CA SER A 192 12.98 -3.22 -3.86
C SER A 192 14.42 -3.62 -3.61
N LEU A 193 15.23 -3.73 -4.67
CA LEU A 193 16.59 -4.18 -4.40
C LEU A 193 17.66 -3.12 -4.32
N GLY A 194 18.34 -3.23 -3.20
CA GLY A 194 19.39 -2.31 -2.85
C GLY A 194 18.84 -0.94 -2.54
N PRO A 195 19.74 -0.06 -2.23
CA PRO A 195 19.39 1.30 -1.93
C PRO A 195 18.09 1.84 -2.51
N CYS A 196 17.27 2.36 -1.58
CA CYS A 196 16.06 3.03 -1.97
C CYS A 196 16.36 4.00 -3.09
N GLY A 197 15.56 4.05 -4.12
CA GLY A 197 15.81 5.05 -5.13
C GLY A 197 16.47 4.45 -6.35
N ARG A 198 17.20 3.35 -6.11
CA ARG A 198 17.91 2.62 -7.18
C ARG A 198 16.95 2.03 -8.20
N GLY A 199 16.11 1.07 -7.76
CA GLY A 199 15.15 0.46 -8.63
C GLY A 199 15.69 -0.81 -9.22
N PRO A 200 14.79 -1.49 -9.81
CA PRO A 200 13.44 -1.01 -9.86
C PRO A 200 12.66 -1.48 -8.64
N ASP A 201 11.47 -0.90 -8.46
CA ASP A 201 10.63 -1.24 -7.33
C ASP A 201 9.65 -2.33 -7.72
N PHE A 202 9.42 -3.24 -6.80
CA PHE A 202 8.50 -4.35 -7.01
C PHE A 202 7.16 -4.25 -6.24
N PHE A 203 6.11 -4.25 -7.03
CA PHE A 203 4.77 -4.22 -6.49
C PHE A 203 3.96 -5.45 -6.92
N THR A 204 3.20 -5.96 -5.99
CA THR A 204 2.37 -7.09 -6.30
C THR A 204 1.38 -6.66 -7.30
N ARG A 205 1.23 -7.52 -8.27
CA ARG A 205 0.30 -7.23 -9.37
C ARG A 205 -1.15 -7.45 -8.95
N VAL A 206 -1.81 -6.36 -8.58
CA VAL A 206 -3.17 -6.42 -8.09
C VAL A 206 -4.20 -7.14 -9.00
N ALA A 207 -4.20 -6.84 -10.30
CA ALA A 207 -5.15 -7.44 -11.25
C ALA A 207 -5.12 -8.96 -11.23
N LEU A 208 -4.06 -9.55 -10.79
CA LEU A 208 -4.09 -10.98 -10.76
C LEU A 208 -4.95 -11.47 -9.64
N PHE A 209 -5.35 -10.62 -8.67
CA PHE A 209 -6.10 -11.11 -7.48
C PHE A 209 -7.55 -10.64 -7.38
N ARG A 210 -8.01 -9.91 -8.38
CA ARG A 210 -9.32 -9.32 -8.35
C ARG A 210 -10.42 -10.21 -7.85
N ASP A 211 -10.51 -11.38 -8.47
CA ASP A 211 -11.54 -12.40 -8.14
C ASP A 211 -11.46 -12.87 -6.70
N TRP A 212 -10.26 -13.25 -6.27
CA TRP A 212 -10.08 -13.72 -4.91
C TRP A 212 -10.47 -12.61 -3.95
N ILE A 213 -10.11 -11.38 -4.31
CA ILE A 213 -10.46 -10.27 -3.45
C ILE A 213 -11.98 -10.12 -3.34
N ASP A 214 -12.65 -10.19 -4.49
CA ASP A 214 -14.08 -10.08 -4.48
C ASP A 214 -14.68 -11.12 -3.63
N GLY A 215 -14.08 -12.26 -3.67
CA GLY A 215 -14.62 -13.28 -2.84
C GLY A 215 -14.51 -12.95 -1.37
N VAL A 216 -13.44 -12.31 -1.00
CA VAL A 216 -13.25 -11.99 0.38
C VAL A 216 -14.23 -10.94 0.76
N LEU A 217 -14.30 -9.91 -0.04
CA LEU A 217 -15.23 -8.86 0.28
C LEU A 217 -16.63 -9.39 0.51
N ASN A 218 -16.98 -10.34 -0.34
CA ASN A 218 -18.29 -10.91 -0.29
C ASN A 218 -18.53 -11.94 0.77
N ASN A 219 -17.49 -12.36 1.41
CA ASN A 219 -17.67 -13.31 2.48
C ASN A 219 -16.81 -12.89 3.63
N PRO A 220 -17.35 -12.00 4.41
CA PRO A 220 -16.60 -11.51 5.52
C PRO A 220 -16.78 -12.42 6.75
N GLY A 221 -15.98 -12.23 7.77
CA GLY A 221 -16.10 -13.09 8.92
C GLY A 221 -14.84 -13.91 9.09
N PRO A 222 -14.25 -13.74 10.28
CA PRO A 222 -13.04 -14.37 10.78
C PRO A 222 -12.57 -15.64 10.08
N GLY A 223 -13.50 -16.57 9.82
CA GLY A 223 -13.14 -17.82 9.19
C GLY A 223 -13.22 -18.98 10.17
N PRO A 224 -12.67 -20.10 9.78
CA PRO A 224 -12.71 -21.30 10.60
C PRO A 224 -12.05 -21.18 11.93
N ALA A 225 -12.70 -21.81 12.90
CA ALA A 225 -12.28 -21.84 14.27
C ALA A 225 -12.19 -23.27 14.79
#